data_6U1Q
#
_entry.id   6U1Q
#
_cell.length_a   171.430
_cell.length_b   171.430
_cell.length_c   44.390
_cell.angle_alpha   90.000
_cell.angle_beta   90.000
_cell.angle_gamma   120.000
#
_symmetry.space_group_name_H-M   'P 64'
#
loop_
_entity.id
_entity.type
_entity.pdbx_description
1 polymer VpsO
2 non-polymer O-PHOSPHOTYROSINE
#
_entity_poly.entity_id   1
_entity_poly.type   'polypeptide(L)'
_entity_poly.pdbx_seq_one_letter_code
;KLDAKAYFDEKLRELTAAVATIATSYLLAHVNQDQHVVMLTSCLPGEGKTTSSLNLALSLAQMEKTLLIDCDLRKPAIAH
RFGISGSQPGVTNLLNGTQSLEDCVYHDEQSGLDILTAGVYASNPLELLSSSKFSELLADLRTRYQRIVIDTPPCLAVSD
SFMLAQYVDSVILVIDANHTRTPVVREVVGKLTQQGSRIDGVILNRLNAKKASRYSGYYHYQAYYGEETKSGAAK
;
_entity_poly.pdbx_strand_id   A,B
#
# COMPACT_ATOMS: atom_id res chain seq x y z
N LEU A 2 12.05 -4.41 17.91
CA LEU A 2 11.85 -5.63 18.69
C LEU A 2 11.00 -6.65 17.94
N ASP A 3 9.90 -6.20 17.33
CA ASP A 3 9.11 -7.03 16.43
C ASP A 3 8.56 -6.14 15.32
N ALA A 4 7.72 -6.71 14.45
CA ALA A 4 7.18 -5.95 13.33
C ALA A 4 5.72 -5.57 13.52
N LYS A 5 5.25 -5.43 14.76
CA LYS A 5 3.85 -5.11 14.97
C LYS A 5 3.49 -3.76 14.37
N ALA A 6 4.37 -2.75 14.54
CA ALA A 6 4.08 -1.42 14.01
C ALA A 6 4.01 -1.43 12.49
N TYR A 7 4.81 -2.28 11.82
CA TYR A 7 4.89 -2.30 10.36
C TYR A 7 3.63 -2.92 9.77
N PHE A 8 3.21 -4.06 10.33
CA PHE A 8 2.05 -4.79 9.86
C PHE A 8 0.76 -4.12 10.26
N ASP A 9 0.77 -3.35 11.36
CA ASP A 9 -0.48 -2.74 11.76
C ASP A 9 -0.80 -1.50 10.91
N GLU A 10 0.20 -0.71 10.49
CA GLU A 10 -0.09 0.33 9.49
C GLU A 10 -0.63 -0.26 8.18
N LYS A 11 -0.08 -1.38 7.72
CA LYS A 11 -0.59 -1.95 6.48
C LYS A 11 -2.02 -2.40 6.61
N LEU A 12 -2.35 -3.08 7.73
CA LEU A 12 -3.69 -3.60 8.00
C LEU A 12 -4.67 -2.47 8.21
N ARG A 13 -4.23 -1.39 8.84
CA ARG A 13 -5.09 -0.23 9.01
C ARG A 13 -5.36 0.44 7.67
N GLU A 14 -4.30 0.59 6.85
CA GLU A 14 -4.44 1.20 5.53
C GLU A 14 -5.31 0.34 4.62
N LEU A 15 -5.13 -0.99 4.66
CA LEU A 15 -5.95 -1.88 3.84
C LEU A 15 -7.42 -1.80 4.26
N THR A 16 -7.70 -1.87 5.56
CA THR A 16 -9.08 -1.76 6.04
C THR A 16 -9.68 -0.40 5.64
N ALA A 17 -8.94 0.69 5.86
CA ALA A 17 -9.40 2.02 5.46
C ALA A 17 -9.70 2.09 3.97
N ALA A 18 -8.80 1.56 3.13
CA ALA A 18 -9.04 1.63 1.69
C ALA A 18 -10.30 0.84 1.32
N VAL A 19 -10.45 -0.37 1.86
CA VAL A 19 -11.57 -1.20 1.45
C VAL A 19 -12.88 -0.57 1.86
N ALA A 20 -12.89 0.18 2.95
CA ALA A 20 -14.11 0.79 3.43
C ALA A 20 -14.67 1.82 2.48
N THR A 21 -13.89 2.30 1.48
CA THR A 21 -14.37 3.31 0.56
C THR A 21 -14.74 2.80 -0.82
N ILE A 22 -14.72 1.49 -1.05
CA ILE A 22 -14.98 1.01 -2.40
C ILE A 22 -16.45 1.16 -2.76
N ALA A 23 -17.34 0.69 -1.90
CA ALA A 23 -18.76 0.82 -2.19
C ALA A 23 -19.18 2.28 -2.28
N THR A 24 -18.61 3.14 -1.43
CA THR A 24 -18.95 4.54 -1.55
C THR A 24 -18.53 5.06 -2.92
N SER A 25 -17.34 4.69 -3.34
CA SER A 25 -16.84 5.22 -4.60
C SER A 25 -17.62 4.67 -5.77
N TYR A 26 -18.05 3.42 -5.66
CA TYR A 26 -18.85 2.80 -6.72
C TYR A 26 -20.15 3.56 -6.88
N LEU A 27 -20.91 3.68 -5.80
CA LEU A 27 -22.14 4.46 -5.81
C LEU A 27 -21.93 5.80 -6.52
N LEU A 28 -20.90 6.56 -6.14
CA LEU A 28 -20.74 7.86 -6.78
C LEU A 28 -20.37 7.72 -8.25
N ALA A 29 -19.52 6.76 -8.60
CA ALA A 29 -19.05 6.67 -9.98
C ALA A 29 -20.14 6.22 -10.95
N HIS A 30 -20.97 5.26 -10.54
CA HIS A 30 -21.88 4.61 -11.47
C HIS A 30 -23.37 4.77 -11.15
N VAL A 31 -23.74 5.31 -10.00
CA VAL A 31 -25.15 5.44 -9.64
C VAL A 31 -25.55 6.91 -9.50
N ASN A 32 -24.87 7.64 -8.62
CA ASN A 32 -25.12 9.07 -8.42
C ASN A 32 -24.05 9.90 -9.14
N GLN A 33 -24.15 9.93 -10.48
CA GLN A 33 -23.20 10.72 -11.25
C GLN A 33 -23.50 12.22 -11.22
N ASP A 34 -24.68 12.61 -10.73
CA ASP A 34 -25.03 14.02 -10.64
C ASP A 34 -24.40 14.70 -9.45
N GLN A 35 -23.91 13.94 -8.48
CA GLN A 35 -23.32 14.46 -7.24
C GLN A 35 -21.86 14.81 -7.52
N HIS A 36 -21.63 16.04 -7.99
CA HIS A 36 -20.30 16.42 -8.44
C HIS A 36 -19.41 16.83 -7.28
N VAL A 37 -19.98 17.46 -6.27
CA VAL A 37 -19.21 17.87 -5.10
C VAL A 37 -19.72 17.12 -3.89
N VAL A 38 -18.82 16.39 -3.25
CA VAL A 38 -19.12 15.44 -2.21
C VAL A 38 -18.27 15.79 -1.00
N MET A 39 -18.89 15.72 0.17
CA MET A 39 -18.31 16.18 1.43
C MET A 39 -18.19 15.00 2.37
N LEU A 40 -17.01 14.79 2.91
CA LEU A 40 -16.78 13.74 3.90
C LEU A 40 -16.56 14.41 5.23
N THR A 41 -17.12 13.81 6.29
CA THR A 41 -17.02 14.37 7.63
C THR A 41 -17.27 13.24 8.64
N SER A 42 -17.06 13.57 9.92
CA SER A 42 -17.28 12.63 11.03
C SER A 42 -17.91 13.38 12.19
N CYS A 43 -18.33 12.64 13.20
CA CYS A 43 -18.87 13.33 14.36
C CYS A 43 -17.76 13.82 15.26
N LEU A 44 -16.68 13.06 15.31
CA LEU A 44 -15.54 13.37 16.16
C LEU A 44 -14.23 13.17 15.43
N PRO A 45 -13.14 13.72 15.94
CA PRO A 45 -11.83 13.41 15.37
C PRO A 45 -11.47 11.96 15.65
N GLY A 46 -10.54 11.46 14.86
CA GLY A 46 -10.00 10.13 15.08
C GLY A 46 -10.87 9.01 14.60
N GLU A 47 -11.59 9.22 13.49
CA GLU A 47 -12.50 8.24 12.94
C GLU A 47 -12.09 7.75 11.54
N GLY A 48 -10.92 8.14 11.04
CA GLY A 48 -10.46 7.75 9.71
C GLY A 48 -10.86 8.67 8.59
N LYS A 49 -11.47 9.81 8.90
CA LYS A 49 -12.09 10.67 7.88
C LYS A 49 -11.10 11.12 6.80
N THR A 50 -9.86 11.46 7.16
CA THR A 50 -8.95 11.99 6.14
C THR A 50 -8.48 10.90 5.19
N THR A 51 -8.05 9.74 5.70
CA THR A 51 -7.64 8.70 4.77
C THR A 51 -8.83 8.18 3.97
N SER A 52 -10.04 8.25 4.54
CA SER A 52 -11.21 7.90 3.74
C SER A 52 -11.42 8.91 2.62
N SER A 53 -11.12 10.18 2.89
CA SER A 53 -11.25 11.23 1.86
C SER A 53 -10.18 11.03 0.77
N LEU A 54 -9.02 10.49 1.16
CA LEU A 54 -7.87 10.22 0.30
C LEU A 54 -8.27 9.11 -0.64
N ASN A 55 -8.45 7.94 -0.06
CA ASN A 55 -8.77 6.75 -0.87
C ASN A 55 -9.99 7.02 -1.73
N LEU A 56 -10.99 7.69 -1.20
CA LEU A 56 -12.13 7.94 -2.09
C LEU A 56 -11.68 8.73 -3.30
N ALA A 57 -10.98 9.84 -3.07
CA ALA A 57 -10.52 10.68 -4.16
C ALA A 57 -9.61 9.88 -5.10
N LEU A 58 -8.67 9.13 -4.52
CA LEU A 58 -7.75 8.35 -5.35
C LEU A 58 -8.50 7.36 -6.20
N SER A 59 -9.56 6.79 -5.64
CA SER A 59 -10.31 5.77 -6.35
C SER A 59 -11.18 6.37 -7.45
N LEU A 60 -11.78 7.54 -7.19
CA LEU A 60 -12.51 8.27 -8.23
C LEU A 60 -11.58 8.80 -9.30
N ALA A 61 -10.31 8.99 -8.97
CA ALA A 61 -9.37 9.51 -9.93
C ALA A 61 -9.14 8.54 -11.08
N GLN A 62 -9.30 7.24 -10.84
CA GLN A 62 -8.98 6.36 -11.95
C GLN A 62 -10.05 6.39 -13.03
N MET A 63 -11.26 6.90 -12.75
CA MET A 63 -12.30 7.01 -13.78
C MET A 63 -12.67 8.45 -14.14
N GLU A 64 -12.35 9.42 -13.30
CA GLU A 64 -12.81 10.79 -13.53
C GLU A 64 -11.72 11.78 -13.14
N LYS A 65 -11.76 12.96 -13.76
CA LYS A 65 -10.87 14.07 -13.41
C LYS A 65 -11.29 14.63 -12.06
N THR A 66 -10.48 14.38 -11.04
CA THR A 66 -10.89 14.56 -9.66
C THR A 66 -10.03 15.59 -8.94
N LEU A 67 -10.64 16.28 -7.98
CA LEU A 67 -9.97 17.25 -7.11
C LEU A 67 -10.28 16.87 -5.67
N LEU A 68 -9.25 16.80 -4.84
CA LEU A 68 -9.39 16.66 -3.39
C LEU A 68 -9.07 18.00 -2.74
N ILE A 69 -10.00 18.54 -1.97
CA ILE A 69 -9.80 19.80 -1.24
C ILE A 69 -9.75 19.50 0.25
N ASP A 70 -8.74 20.05 0.92
CA ASP A 70 -8.67 20.02 2.38
C ASP A 70 -9.37 21.27 2.88
N CYS A 71 -10.52 21.11 3.54
CA CYS A 71 -11.26 22.25 4.11
C CYS A 71 -11.38 22.18 5.62
N ASP A 72 -10.58 21.34 6.26
CA ASP A 72 -10.40 21.42 7.70
C ASP A 72 -9.26 22.41 7.85
N LEU A 73 -9.61 23.69 7.97
CA LEU A 73 -8.56 24.68 8.05
C LEU A 73 -7.96 24.77 9.42
N ARG A 74 -8.48 24.00 10.38
CA ARG A 74 -8.07 24.07 11.77
C ARG A 74 -7.04 23.00 12.11
N LYS A 75 -7.28 21.73 11.74
CA LYS A 75 -6.30 20.67 11.92
C LYS A 75 -6.12 19.95 10.58
N PRO A 76 -5.43 20.58 9.62
CA PRO A 76 -5.39 20.02 8.26
C PRO A 76 -4.39 18.88 8.12
N ALA A 77 -4.78 17.85 7.35
CA ALA A 77 -3.99 16.63 7.19
C ALA A 77 -3.61 16.27 5.77
N ILE A 78 -4.37 16.71 4.75
CA ILE A 78 -4.19 16.24 3.38
C ILE A 78 -2.76 16.48 2.90
N ALA A 79 -2.29 17.70 3.04
CA ALA A 79 -0.94 18.01 2.55
C ALA A 79 0.08 17.06 3.18
N HIS A 80 -0.09 16.75 4.47
CA HIS A 80 0.86 15.90 5.14
C HIS A 80 0.91 14.52 4.48
N ARG A 81 -0.22 14.03 4.01
CA ARG A 81 -0.34 12.63 3.62
C ARG A 81 0.05 12.39 2.16
N PHE A 82 0.30 13.43 1.38
CA PHE A 82 0.90 13.30 0.07
C PHE A 82 2.34 13.76 0.05
N GLY A 83 2.94 13.99 1.21
CA GLY A 83 4.27 14.52 1.22
C GLY A 83 4.37 15.88 0.59
N ILE A 84 3.34 16.72 0.76
CA ILE A 84 3.41 18.09 0.26
C ILE A 84 3.89 19.00 1.38
N SER A 85 4.79 19.94 1.05
CA SER A 85 5.19 20.98 2.00
C SER A 85 3.96 21.66 2.59
N GLY A 86 4.06 22.02 3.87
CA GLY A 86 3.06 22.88 4.47
C GLY A 86 3.06 24.31 3.96
N SER A 87 4.21 24.77 3.42
CA SER A 87 4.28 26.08 2.78
C SER A 87 3.29 26.20 1.62
N GLN A 88 3.17 25.14 0.80
CA GLN A 88 2.41 25.04 -0.45
C GLN A 88 1.07 25.78 -0.34
N PRO A 89 0.85 26.78 -1.18
CA PRO A 89 -0.39 27.56 -1.09
C PRO A 89 -1.63 26.74 -1.40
N GLY A 90 -2.71 27.04 -0.69
CA GLY A 90 -3.95 26.28 -0.80
C GLY A 90 -5.16 27.15 -0.59
N VAL A 91 -6.14 26.61 0.13
CA VAL A 91 -7.46 27.23 0.21
C VAL A 91 -7.38 28.62 0.83
N THR A 92 -6.71 28.73 1.97
CA THR A 92 -6.63 30.04 2.61
C THR A 92 -5.95 31.03 1.71
N ASN A 93 -4.91 30.59 1.00
CA ASN A 93 -4.22 31.48 0.08
C ASN A 93 -5.18 32.02 -0.97
N LEU A 94 -6.04 31.14 -1.52
CA LEU A 94 -6.97 31.58 -2.54
C LEU A 94 -7.99 32.55 -1.96
N LEU A 95 -8.56 32.21 -0.79
CA LEU A 95 -9.56 33.07 -0.17
C LEU A 95 -8.98 34.41 0.24
N ASN A 96 -7.74 34.41 0.73
CA ASN A 96 -7.06 35.66 1.08
C ASN A 96 -6.41 36.32 -0.13
N GLY A 97 -6.56 35.74 -1.33
CA GLY A 97 -6.09 36.35 -2.55
C GLY A 97 -4.59 36.47 -2.70
N THR A 98 -3.81 35.74 -1.89
CA THR A 98 -2.35 35.72 -2.08
C THR A 98 -1.99 34.99 -3.37
N GLN A 99 -2.58 33.83 -3.62
CA GLN A 99 -2.34 33.08 -4.85
C GLN A 99 -3.63 32.92 -5.65
N SER A 100 -3.48 32.58 -6.92
CA SER A 100 -4.60 32.23 -7.76
C SER A 100 -4.57 30.72 -8.02
N LEU A 101 -5.63 30.25 -8.66
CA LEU A 101 -5.94 28.82 -8.63
C LEU A 101 -4.84 27.98 -9.25
N GLU A 102 -4.19 28.48 -10.31
CA GLU A 102 -3.26 27.67 -11.09
C GLU A 102 -2.00 27.29 -10.29
N ASP A 103 -1.26 28.26 -9.78
CA ASP A 103 -0.14 27.88 -8.92
C ASP A 103 -0.59 27.68 -7.48
N CYS A 104 -1.68 26.96 -7.29
CA CYS A 104 -2.14 26.45 -6.01
C CYS A 104 -2.39 24.96 -6.03
N VAL A 105 -3.03 24.44 -7.08
CA VAL A 105 -3.33 23.02 -7.21
C VAL A 105 -2.05 22.21 -7.36
N TYR A 106 -1.93 21.15 -6.56
CA TYR A 106 -0.84 20.18 -6.69
C TYR A 106 -1.32 18.92 -7.38
N HIS A 107 -0.59 18.46 -8.40
CA HIS A 107 -0.92 17.26 -9.15
C HIS A 107 -0.04 16.09 -8.72
N ASP A 108 -0.68 15.01 -8.24
CA ASP A 108 -0.01 13.75 -7.88
C ASP A 108 0.05 12.88 -9.12
N GLU A 109 1.16 12.93 -9.84
CA GLU A 109 1.06 12.25 -11.13
C GLU A 109 1.33 10.76 -11.03
N GLN A 110 1.61 10.26 -9.84
CA GLN A 110 1.51 8.83 -9.59
C GLN A 110 0.09 8.31 -9.74
N SER A 111 -0.91 9.16 -9.51
CA SER A 111 -2.29 8.70 -9.42
C SER A 111 -3.27 9.43 -10.33
N GLY A 112 -2.93 10.62 -10.84
CA GLY A 112 -3.83 11.45 -11.63
C GLY A 112 -4.67 12.42 -10.82
N LEU A 113 -4.74 12.23 -9.52
CA LEU A 113 -5.51 13.10 -8.65
C LEU A 113 -4.97 14.53 -8.63
N ASP A 114 -5.86 15.51 -8.51
CA ASP A 114 -5.46 16.87 -8.19
C ASP A 114 -5.78 17.15 -6.73
N ILE A 115 -4.86 17.84 -6.06
CA ILE A 115 -4.98 18.13 -4.64
C ILE A 115 -4.86 19.62 -4.40
N LEU A 116 -5.82 20.18 -3.68
CA LEU A 116 -5.79 21.55 -3.20
C LEU A 116 -5.72 21.49 -1.67
N THR A 117 -4.55 21.83 -1.11
CA THR A 117 -4.38 21.79 0.34
C THR A 117 -5.06 22.96 1.02
N ALA A 118 -5.14 22.89 2.34
CA ALA A 118 -5.71 23.97 3.12
C ALA A 118 -4.90 25.25 3.00
N GLY A 119 -3.59 25.13 2.82
CA GLY A 119 -2.77 26.31 2.70
C GLY A 119 -2.25 26.81 4.03
N VAL A 120 -1.61 27.98 3.93
CA VAL A 120 -1.00 28.59 5.09
C VAL A 120 -2.03 28.80 6.18
N TYR A 121 -1.55 28.92 7.41
CA TYR A 121 -2.45 28.97 8.53
C TYR A 121 -3.21 30.31 8.53
N ALA A 122 -4.47 30.25 8.97
CA ALA A 122 -5.35 31.41 9.06
C ALA A 122 -6.20 31.30 10.31
N SER A 123 -6.19 32.36 11.13
CA SER A 123 -6.91 32.37 12.40
C SER A 123 -8.38 32.75 12.27
N ASN A 124 -8.89 32.95 11.05
CA ASN A 124 -10.28 33.28 10.81
C ASN A 124 -10.92 32.18 9.97
N PRO A 125 -10.85 30.94 10.43
CA PRO A 125 -11.20 29.83 9.54
C PRO A 125 -12.66 29.87 9.11
N LEU A 126 -13.56 29.98 10.09
CA LEU A 126 -14.97 30.00 9.75
C LEU A 126 -15.31 31.31 9.07
N GLU A 127 -14.62 32.37 9.46
CA GLU A 127 -14.68 33.63 8.73
C GLU A 127 -14.45 33.41 7.23
N LEU A 128 -13.33 32.79 6.89
CA LEU A 128 -12.96 32.59 5.48
C LEU A 128 -13.93 31.68 4.75
N LEU A 129 -14.33 30.58 5.37
CA LEU A 129 -15.14 29.61 4.63
C LEU A 129 -16.55 30.14 4.42
N SER A 130 -16.99 31.02 5.31
CA SER A 130 -18.26 31.71 5.17
C SER A 130 -18.19 32.89 4.21
N SER A 131 -17.03 33.13 3.59
CA SER A 131 -16.89 34.17 2.58
C SER A 131 -17.72 33.87 1.35
N SER A 132 -17.89 34.88 0.47
CA SER A 132 -18.53 34.66 -0.82
C SER A 132 -17.54 34.22 -1.86
N LYS A 133 -16.28 34.64 -1.71
CA LYS A 133 -15.25 34.20 -2.63
C LYS A 133 -14.93 32.74 -2.40
N PHE A 134 -15.29 32.19 -1.25
CA PHE A 134 -15.20 30.74 -1.12
C PHE A 134 -16.24 30.07 -2.01
N SER A 135 -17.45 30.61 -2.04
CA SER A 135 -18.47 30.03 -2.89
C SER A 135 -18.11 30.22 -4.36
N GLU A 136 -17.55 31.39 -4.69
CA GLU A 136 -17.06 31.67 -6.04
C GLU A 136 -15.93 30.71 -6.41
N LEU A 137 -15.10 30.33 -5.44
CA LEU A 137 -14.05 29.36 -5.72
C LEU A 137 -14.65 27.99 -6.02
N LEU A 138 -15.69 27.61 -5.29
CA LEU A 138 -16.34 26.32 -5.54
C LEU A 138 -17.05 26.33 -6.89
N ALA A 139 -17.70 27.43 -7.24
CA ALA A 139 -18.36 27.51 -8.52
C ALA A 139 -17.37 27.33 -9.66
N ASP A 140 -16.16 27.86 -9.51
CA ASP A 140 -15.18 27.76 -10.59
C ASP A 140 -14.60 26.35 -10.66
N LEU A 141 -14.39 25.72 -9.50
CA LEU A 141 -13.85 24.37 -9.50
C LEU A 141 -14.84 23.37 -10.07
N ARG A 142 -16.14 23.63 -9.94
CA ARG A 142 -17.15 22.77 -10.53
C ARG A 142 -16.97 22.66 -12.04
N THR A 143 -16.72 23.79 -12.69
CA THR A 143 -16.54 23.81 -14.13
C THR A 143 -15.19 23.25 -14.57
N ARG A 144 -14.28 22.95 -13.66
CA ARG A 144 -12.98 22.43 -14.04
C ARG A 144 -12.76 20.98 -13.69
N TYR A 145 -13.60 20.39 -12.82
CA TYR A 145 -13.39 19.04 -12.34
C TYR A 145 -14.68 18.27 -12.42
N GLN A 146 -14.58 17.00 -12.81
CA GLN A 146 -15.77 16.15 -12.87
C GLN A 146 -16.24 15.80 -11.47
N ARG A 147 -15.31 15.53 -10.57
CA ARG A 147 -15.65 15.31 -9.17
C ARG A 147 -14.78 16.17 -8.28
N ILE A 148 -15.38 16.61 -7.19
CA ILE A 148 -14.65 17.30 -6.15
C ILE A 148 -14.97 16.59 -4.85
N VAL A 149 -13.93 16.22 -4.11
CA VAL A 149 -14.04 15.56 -2.82
C VAL A 149 -13.46 16.50 -1.76
N ILE A 150 -14.25 16.78 -0.72
CA ILE A 150 -13.89 17.77 0.30
C ILE A 150 -13.80 17.12 1.67
N ASP A 151 -12.59 17.08 2.23
CA ASP A 151 -12.38 16.72 3.63
C ASP A 151 -12.65 17.95 4.51
N THR A 152 -13.46 17.76 5.55
CA THR A 152 -14.01 18.83 6.37
C THR A 152 -13.79 18.47 7.83
N PRO A 153 -13.93 19.45 8.74
CA PRO A 153 -13.74 19.16 10.20
C PRO A 153 -14.85 18.29 10.77
N PRO A 154 -14.60 17.64 11.91
CA PRO A 154 -15.67 16.88 12.58
C PRO A 154 -16.85 17.77 12.99
N CYS A 155 -18.05 17.19 12.92
CA CYS A 155 -19.30 17.91 13.09
C CYS A 155 -19.49 18.47 14.49
N LEU A 156 -19.04 17.76 15.50
CA LEU A 156 -19.29 18.18 16.87
C LEU A 156 -18.19 19.10 17.41
N ALA A 157 -17.00 19.11 16.81
CA ALA A 157 -15.96 20.03 17.26
C ALA A 157 -16.32 21.47 16.91
N VAL A 158 -16.44 21.77 15.62
CA VAL A 158 -16.76 23.11 15.16
C VAL A 158 -18.00 23.02 14.28
N SER A 159 -18.47 24.17 13.81
CA SER A 159 -19.66 24.24 12.97
C SER A 159 -19.33 24.37 11.49
N ASP A 160 -18.04 24.42 11.14
CA ASP A 160 -17.60 24.55 9.76
C ASP A 160 -18.37 23.65 8.81
N SER A 161 -18.56 22.38 9.17
CA SER A 161 -19.09 21.44 8.17
C SER A 161 -20.59 21.60 7.99
N PHE A 162 -21.33 21.99 9.03
CA PHE A 162 -22.74 22.30 8.85
C PHE A 162 -22.90 23.44 7.88
N MET A 163 -21.94 24.36 7.87
CA MET A 163 -21.97 25.46 6.92
C MET A 163 -21.61 24.98 5.53
N LEU A 164 -20.61 24.09 5.43
CA LEU A 164 -20.14 23.65 4.12
C LEU A 164 -21.22 22.86 3.40
N ALA A 165 -22.00 22.06 4.14
CA ALA A 165 -22.97 21.17 3.54
C ALA A 165 -23.95 21.89 2.61
N GLN A 166 -24.20 23.18 2.86
CA GLN A 166 -25.05 23.95 1.95
C GLN A 166 -24.50 23.93 0.53
N TYR A 167 -23.17 23.86 0.37
CA TYR A 167 -22.54 24.04 -0.93
C TYR A 167 -22.36 22.75 -1.72
N VAL A 168 -22.50 21.57 -1.09
CA VAL A 168 -22.13 20.31 -1.71
C VAL A 168 -23.39 19.56 -2.17
N ASP A 169 -23.19 18.59 -3.05
CA ASP A 169 -24.31 17.81 -3.55
C ASP A 169 -24.54 16.55 -2.73
N SER A 170 -23.57 16.14 -1.93
CA SER A 170 -23.71 14.92 -1.15
C SER A 170 -22.81 14.98 0.09
N VAL A 171 -23.31 14.48 1.21
CA VAL A 171 -22.54 14.42 2.45
C VAL A 171 -22.34 12.96 2.80
N ILE A 172 -21.08 12.55 2.97
CA ILE A 172 -20.76 11.20 3.40
C ILE A 172 -20.18 11.26 4.79
N LEU A 173 -20.73 10.44 5.68
CA LEU A 173 -20.39 10.46 7.10
C LEU A 173 -19.47 9.31 7.40
N VAL A 174 -18.27 9.62 7.89
CA VAL A 174 -17.26 8.60 8.18
C VAL A 174 -17.38 8.25 9.66
N ILE A 175 -17.32 6.97 9.96
CA ILE A 175 -17.66 6.50 11.30
C ILE A 175 -16.66 5.43 11.71
N ASP A 176 -16.07 5.59 12.91
CA ASP A 176 -15.30 4.51 13.53
C ASP A 176 -16.28 3.63 14.28
N ALA A 177 -16.78 2.58 13.59
CA ALA A 177 -17.84 1.74 14.15
C ALA A 177 -17.38 0.95 15.37
N ASN A 178 -16.07 0.88 15.62
CA ASN A 178 -15.58 0.24 16.84
C ASN A 178 -15.79 1.11 18.06
N HIS A 179 -15.87 2.41 17.90
CA HIS A 179 -15.78 3.28 19.06
C HIS A 179 -16.86 4.34 19.10
N THR A 180 -17.21 4.93 17.96
CA THR A 180 -18.31 5.88 17.97
C THR A 180 -19.58 5.13 18.31
N ARG A 181 -20.41 5.74 19.14
CA ARG A 181 -21.63 5.09 19.60
C ARG A 181 -22.81 5.65 18.81
N THR A 182 -23.78 4.79 18.54
CA THR A 182 -24.76 5.13 17.51
C THR A 182 -25.68 6.27 17.96
N PRO A 183 -26.00 6.42 19.25
CA PRO A 183 -26.79 7.60 19.63
C PRO A 183 -26.07 8.87 19.31
N VAL A 184 -24.74 8.87 19.30
CA VAL A 184 -24.02 10.07 18.88
C VAL A 184 -24.27 10.33 17.41
N VAL A 185 -24.10 9.29 16.61
CA VAL A 185 -24.31 9.42 15.15
C VAL A 185 -25.72 9.89 14.88
N ARG A 186 -26.70 9.30 15.57
CA ARG A 186 -28.14 9.65 15.38
C ARG A 186 -28.36 11.14 15.67
N GLU A 187 -27.61 11.70 16.62
CA GLU A 187 -27.76 13.13 17.00
C GLU A 187 -27.22 14.03 15.88
N VAL A 188 -26.04 13.69 15.34
CA VAL A 188 -25.43 14.47 14.29
C VAL A 188 -26.27 14.41 13.02
N VAL A 189 -26.77 13.22 12.68
CA VAL A 189 -27.68 13.09 11.55
C VAL A 189 -28.86 14.04 11.70
N GLY A 190 -29.44 14.10 12.90
CA GLY A 190 -30.52 15.03 13.17
C GLY A 190 -30.15 16.49 12.96
N LYS A 191 -28.93 16.89 13.38
CA LYS A 191 -28.54 18.27 13.21
C LYS A 191 -28.53 18.66 11.72
N LEU A 192 -28.05 17.76 10.86
CA LEU A 192 -28.09 18.03 9.43
C LEU A 192 -29.51 17.96 8.91
N THR A 193 -30.24 16.91 9.30
CA THR A 193 -31.65 16.77 8.94
C THR A 193 -32.47 18.00 9.30
N GLN A 194 -32.15 18.67 10.41
CA GLN A 194 -32.99 19.81 10.77
C GLN A 194 -32.49 21.10 10.14
N GLN A 195 -31.45 21.03 9.34
CA GLN A 195 -31.21 22.11 8.40
C GLN A 195 -31.38 21.49 7.01
N GLY A 196 -30.78 22.11 5.99
CA GLY A 196 -30.93 21.58 4.64
C GLY A 196 -30.41 20.17 4.48
N SER A 197 -29.19 19.91 4.96
CA SER A 197 -28.40 18.76 4.55
C SER A 197 -29.08 17.43 4.81
N ARG A 198 -28.76 16.47 3.94
CA ARG A 198 -29.11 15.06 4.06
C ARG A 198 -27.84 14.26 3.94
N ILE A 199 -27.77 13.14 4.66
CA ILE A 199 -26.66 12.19 4.55
C ILE A 199 -26.93 11.19 3.42
N ASP A 200 -25.98 11.05 2.50
CA ASP A 200 -26.14 10.18 1.35
C ASP A 200 -25.37 8.87 1.48
N GLY A 201 -24.50 8.74 2.47
CA GLY A 201 -23.84 7.47 2.69
C GLY A 201 -22.91 7.51 3.87
N VAL A 202 -22.63 6.33 4.38
CA VAL A 202 -21.70 6.16 5.49
C VAL A 202 -20.48 5.40 4.98
N ILE A 203 -19.36 5.60 5.65
CA ILE A 203 -18.21 4.73 5.53
C ILE A 203 -17.85 4.27 6.94
N LEU A 204 -17.84 2.95 7.15
CA LEU A 204 -17.62 2.37 8.47
C LEU A 204 -16.16 1.94 8.54
N ASN A 205 -15.31 2.82 9.07
CA ASN A 205 -13.99 2.39 9.48
C ASN A 205 -14.08 1.55 10.75
N ARG A 206 -13.04 0.75 11.00
CA ARG A 206 -12.90 0.01 12.25
C ARG A 206 -11.47 0.17 12.72
N LEU A 207 -11.28 0.91 13.81
CA LEU A 207 -9.97 1.31 14.31
C LEU A 207 -9.61 0.57 15.59
N ASN A 208 -8.34 0.70 16.01
CA ASN A 208 -7.78 -0.06 17.12
C ASN A 208 -7.10 0.88 18.13
N ALA A 209 -7.89 1.64 18.88
CA ALA A 209 -7.33 2.47 19.96
C ALA A 209 -6.76 1.57 21.05
N ALA B 6 -3.68 4.16 -12.98
CA ALA B 6 -4.68 3.64 -12.03
C ALA B 6 -4.06 3.04 -10.74
N TYR B 7 -3.79 3.94 -9.77
CA TYR B 7 -2.99 3.73 -8.55
C TYR B 7 -3.75 3.02 -7.41
N PHE B 8 -5.03 3.32 -7.20
CA PHE B 8 -5.71 2.83 -5.99
C PHE B 8 -5.83 1.30 -5.97
N ASP B 9 -5.93 0.66 -7.14
CA ASP B 9 -6.07 -0.78 -7.22
C ASP B 9 -4.74 -1.50 -7.03
N GLU B 10 -3.63 -0.89 -7.50
CA GLU B 10 -2.28 -1.31 -7.12
C GLU B 10 -2.10 -1.25 -5.61
N LYS B 11 -2.66 -0.23 -4.97
CA LYS B 11 -2.60 -0.10 -3.51
C LYS B 11 -3.34 -1.24 -2.81
N LEU B 12 -4.53 -1.62 -3.34
CA LEU B 12 -5.28 -2.75 -2.78
C LEU B 12 -4.59 -4.09 -3.02
N ARG B 13 -4.01 -4.28 -4.21
CA ARG B 13 -3.37 -5.55 -4.49
C ARG B 13 -2.14 -5.74 -3.64
N GLU B 14 -1.25 -4.76 -3.65
CA GLU B 14 -0.01 -4.94 -2.90
C GLU B 14 -0.20 -4.84 -1.41
N LEU B 15 -1.16 -4.02 -0.93
CA LEU B 15 -1.46 -4.03 0.51
C LEU B 15 -1.99 -5.40 0.94
N THR B 16 -2.90 -5.99 0.13
CA THR B 16 -3.43 -7.32 0.41
C THR B 16 -2.33 -8.37 0.40
N ALA B 17 -1.47 -8.31 -0.61
CA ALA B 17 -0.37 -9.23 -0.69
C ALA B 17 0.45 -9.21 0.60
N ALA B 18 0.66 -8.03 1.17
CA ALA B 18 1.45 -7.90 2.40
C ALA B 18 0.81 -8.61 3.58
N VAL B 19 -0.50 -8.42 3.81
CA VAL B 19 -1.13 -9.07 4.95
C VAL B 19 -1.20 -10.58 4.72
N ALA B 20 -1.27 -11.02 3.47
CA ALA B 20 -1.31 -12.45 3.22
C ALA B 20 -0.03 -13.15 3.65
N THR B 21 1.04 -12.41 3.95
CA THR B 21 2.31 -12.97 4.37
C THR B 21 2.63 -12.74 5.85
N ILE B 22 1.67 -12.24 6.65
CA ILE B 22 1.99 -11.90 8.03
C ILE B 22 2.22 -13.15 8.86
N ALA B 23 1.29 -14.11 8.84
CA ALA B 23 1.45 -15.31 9.68
C ALA B 23 2.73 -16.05 9.31
N THR B 24 3.09 -16.07 8.03
CA THR B 24 4.36 -16.64 7.70
C THR B 24 5.49 -15.83 8.30
N SER B 25 5.40 -14.50 8.22
CA SER B 25 6.49 -13.66 8.73
C SER B 25 6.58 -13.75 10.24
N TYR B 26 5.44 -13.89 10.90
CA TYR B 26 5.42 -14.05 12.33
C TYR B 26 6.13 -15.31 12.76
N LEU B 27 5.67 -16.46 12.24
CA LEU B 27 6.28 -17.75 12.53
C LEU B 27 7.81 -17.71 12.44
N LEU B 28 8.34 -17.10 11.37
CA LEU B 28 9.79 -17.05 11.20
C LEU B 28 10.45 -16.14 12.24
N ALA B 29 9.87 -14.98 12.48
CA ALA B 29 10.50 -14.04 13.40
C ALA B 29 10.41 -14.54 14.84
N HIS B 30 9.29 -15.15 15.23
CA HIS B 30 9.15 -15.44 16.64
C HIS B 30 9.10 -16.90 17.03
N VAL B 31 9.02 -17.85 16.08
CA VAL B 31 8.93 -19.25 16.46
C VAL B 31 10.14 -20.06 15.97
N ASN B 32 10.40 -20.04 14.67
CA ASN B 32 11.56 -20.71 14.11
C ASN B 32 12.64 -19.67 13.82
N GLN B 33 13.25 -19.14 14.90
CA GLN B 33 14.29 -18.13 14.74
C GLN B 33 15.60 -18.72 14.24
N ASP B 34 15.72 -20.06 14.24
CA ASP B 34 16.89 -20.75 13.71
C ASP B 34 16.89 -20.84 12.19
N GLN B 35 15.76 -20.55 11.54
CA GLN B 35 15.63 -20.67 10.09
C GLN B 35 16.18 -19.40 9.44
N HIS B 36 17.49 -19.42 9.19
CA HIS B 36 18.21 -18.23 8.75
C HIS B 36 18.01 -17.98 7.26
N VAL B 37 17.94 -19.05 6.47
CA VAL B 37 17.77 -18.93 5.03
C VAL B 37 16.43 -19.54 4.64
N VAL B 38 15.60 -18.75 3.96
CA VAL B 38 14.22 -19.12 3.69
C VAL B 38 13.96 -19.06 2.19
N MET B 39 13.33 -20.08 1.65
CA MET B 39 13.14 -20.20 0.22
C MET B 39 11.65 -20.20 -0.09
N LEU B 40 11.24 -19.32 -0.99
CA LEU B 40 9.85 -19.25 -1.41
C LEU B 40 9.74 -19.80 -2.83
N THR B 41 8.67 -20.56 -3.08
CA THR B 41 8.47 -21.15 -4.40
C THR B 41 7.00 -21.48 -4.60
N SER B 42 6.66 -21.84 -5.83
CA SER B 42 5.30 -22.21 -6.22
C SER B 42 5.39 -23.42 -7.16
N CYS B 43 4.23 -24.03 -7.45
CA CYS B 43 4.33 -25.11 -8.42
C CYS B 43 4.35 -24.59 -9.85
N LEU B 44 3.70 -23.46 -10.10
CA LEU B 44 3.56 -22.89 -11.44
C LEU B 44 3.81 -21.40 -11.38
N PRO B 45 4.03 -20.78 -12.52
CA PRO B 45 4.17 -19.31 -12.54
C PRO B 45 2.84 -18.64 -12.25
N GLY B 46 2.93 -17.37 -11.85
CA GLY B 46 1.74 -16.56 -11.68
C GLY B 46 0.93 -16.83 -10.43
N GLU B 47 1.60 -17.16 -9.33
CA GLU B 47 0.90 -17.50 -8.10
C GLU B 47 1.15 -16.52 -6.96
N GLY B 48 1.84 -15.41 -7.25
CA GLY B 48 2.17 -14.39 -6.27
C GLY B 48 3.51 -14.56 -5.60
N LYS B 49 4.31 -15.54 -6.04
CA LYS B 49 5.54 -15.90 -5.34
C LYS B 49 6.53 -14.73 -5.21
N THR B 50 6.68 -13.92 -6.26
CA THR B 50 7.67 -12.85 -6.17
C THR B 50 7.22 -11.76 -5.20
N THR B 51 5.96 -11.31 -5.28
CA THR B 51 5.54 -10.28 -4.32
C THR B 51 5.44 -10.80 -2.90
N SER B 52 5.19 -12.10 -2.73
CA SER B 52 5.25 -12.67 -1.39
C SER B 52 6.67 -12.67 -0.88
N SER B 53 7.65 -12.83 -1.77
CA SER B 53 9.03 -12.86 -1.32
C SER B 53 9.47 -11.51 -0.77
N LEU B 54 9.28 -10.45 -1.55
CA LEU B 54 9.70 -9.12 -1.09
C LEU B 54 8.92 -8.73 0.16
N ASN B 55 7.61 -8.96 0.16
CA ASN B 55 6.80 -8.61 1.31
C ASN B 55 7.27 -9.32 2.57
N LEU B 56 7.64 -10.59 2.45
CA LEU B 56 8.21 -11.30 3.59
C LEU B 56 9.52 -10.66 4.02
N ALA B 57 10.43 -10.48 3.08
CA ALA B 57 11.72 -9.90 3.38
C ALA B 57 11.57 -8.50 3.95
N LEU B 58 10.64 -7.72 3.41
CA LEU B 58 10.46 -6.35 3.89
C LEU B 58 10.08 -6.35 5.36
N SER B 59 9.22 -7.29 5.76
CA SER B 59 8.83 -7.27 7.16
C SER B 59 9.92 -7.86 8.05
N LEU B 60 10.61 -8.91 7.62
CA LEU B 60 11.70 -9.42 8.44
C LEU B 60 12.80 -8.38 8.62
N ALA B 61 12.90 -7.43 7.67
CA ALA B 61 13.85 -6.33 7.76
C ALA B 61 13.58 -5.42 8.97
N GLN B 62 12.37 -5.50 9.56
CA GLN B 62 12.07 -4.65 10.71
C GLN B 62 12.87 -5.08 11.94
N MET B 63 13.21 -6.36 12.06
CA MET B 63 13.88 -6.83 13.26
C MET B 63 15.27 -7.39 13.04
N GLU B 64 15.65 -7.74 11.82
CA GLU B 64 16.94 -8.36 11.61
C GLU B 64 17.55 -7.78 10.34
N LYS B 65 18.88 -7.81 10.28
CA LYS B 65 19.59 -7.42 9.07
C LYS B 65 19.35 -8.51 8.03
N THR B 66 18.54 -8.22 7.02
CA THR B 66 18.11 -9.27 6.09
C THR B 66 18.48 -8.93 4.65
N LEU B 67 18.59 -10.00 3.87
CA LEU B 67 18.92 -9.96 2.45
C LEU B 67 17.83 -10.65 1.66
N LEU B 68 17.36 -10.00 0.60
CA LEU B 68 16.46 -10.62 -0.36
C LEU B 68 17.28 -10.96 -1.59
N ILE B 69 17.30 -12.24 -1.97
CA ILE B 69 18.05 -12.69 -3.15
C ILE B 69 17.05 -13.11 -4.22
N ASP B 70 17.27 -12.65 -5.46
CA ASP B 70 16.51 -13.10 -6.62
C ASP B 70 17.24 -14.28 -7.24
N CYS B 71 16.67 -15.48 -7.13
CA CYS B 71 17.32 -16.66 -7.69
C CYS B 71 16.53 -17.32 -8.80
N ASP B 72 15.52 -16.66 -9.35
CA ASP B 72 14.91 -17.11 -10.59
C ASP B 72 15.74 -16.45 -11.67
N LEU B 73 16.79 -17.15 -12.11
CA LEU B 73 17.66 -16.59 -13.13
C LEU B 73 17.06 -16.72 -14.53
N ARG B 74 15.85 -17.26 -14.64
CA ARG B 74 15.20 -17.43 -15.92
C ARG B 74 14.30 -16.26 -16.24
N LYS B 75 13.36 -15.92 -15.33
CA LYS B 75 12.46 -14.78 -15.48
C LYS B 75 12.53 -13.95 -14.19
N PRO B 76 13.58 -13.16 -14.01
CA PRO B 76 13.79 -12.49 -12.73
C PRO B 76 13.00 -11.20 -12.58
N ALA B 77 12.42 -11.01 -11.39
CA ALA B 77 11.50 -9.90 -11.14
C ALA B 77 11.92 -8.96 -10.02
N ILE B 78 12.75 -9.40 -9.07
CA ILE B 78 13.01 -8.58 -7.89
C ILE B 78 13.55 -7.22 -8.31
N ALA B 79 14.58 -7.22 -9.14
CA ALA B 79 15.14 -5.95 -9.58
C ALA B 79 14.06 -5.07 -10.22
N HIS B 80 13.13 -5.69 -10.94
CA HIS B 80 12.08 -4.91 -11.58
C HIS B 80 11.23 -4.17 -10.55
N ARG B 81 10.94 -4.82 -9.40
CA ARG B 81 9.94 -4.32 -8.49
C ARG B 81 10.46 -3.38 -7.41
N PHE B 82 11.77 -3.19 -7.33
CA PHE B 82 12.32 -2.12 -6.52
C PHE B 82 12.77 -0.96 -7.36
N GLY B 83 12.36 -0.93 -8.63
CA GLY B 83 12.80 0.11 -9.53
C GLY B 83 14.30 0.08 -9.71
N ILE B 84 14.88 -1.12 -9.74
CA ILE B 84 16.33 -1.25 -9.88
C ILE B 84 16.70 -1.38 -11.34
N SER B 85 17.85 -0.81 -11.65
CA SER B 85 18.50 -0.93 -12.95
C SER B 85 18.52 -2.36 -13.45
N GLY B 86 18.30 -2.52 -14.74
CA GLY B 86 18.76 -3.77 -15.32
C GLY B 86 20.27 -3.81 -15.36
N SER B 87 20.93 -2.64 -15.39
CA SER B 87 22.40 -2.62 -15.32
C SER B 87 22.89 -3.28 -14.03
N GLN B 88 22.23 -3.02 -12.91
CA GLN B 88 22.68 -3.41 -11.57
C GLN B 88 23.24 -4.84 -11.56
N PRO B 89 24.51 -5.04 -11.21
CA PRO B 89 25.06 -6.39 -11.14
C PRO B 89 24.44 -7.18 -10.00
N GLY B 90 24.33 -8.49 -10.20
CA GLY B 90 23.68 -9.31 -9.21
C GLY B 90 24.29 -10.68 -9.01
N VAL B 91 23.43 -11.68 -8.82
CA VAL B 91 23.87 -12.96 -8.29
C VAL B 91 24.82 -13.63 -9.28
N THR B 92 24.44 -13.66 -10.56
CA THR B 92 25.28 -14.29 -11.58
C THR B 92 26.60 -13.57 -11.69
N ASN B 93 26.59 -12.25 -11.52
CA ASN B 93 27.83 -11.49 -11.52
C ASN B 93 28.77 -12.00 -10.45
N LEU B 94 28.24 -12.30 -9.25
CA LEU B 94 29.08 -12.77 -8.16
C LEU B 94 29.67 -14.14 -8.47
N LEU B 95 28.82 -15.06 -8.96
CA LEU B 95 29.28 -16.42 -9.25
C LEU B 95 30.34 -16.43 -10.34
N ASN B 96 30.18 -15.55 -11.34
CA ASN B 96 31.15 -15.40 -12.40
C ASN B 96 32.30 -14.48 -12.03
N GLY B 97 32.38 -14.06 -10.78
CA GLY B 97 33.54 -13.35 -10.29
C GLY B 97 33.80 -12.00 -10.93
N THR B 98 32.82 -11.42 -11.63
CA THR B 98 33.00 -10.11 -12.23
C THR B 98 33.08 -9.02 -11.17
N GLN B 99 32.07 -8.93 -10.33
CA GLN B 99 31.98 -7.92 -9.30
C GLN B 99 32.02 -8.61 -7.94
N SER B 100 32.26 -7.80 -6.93
CA SER B 100 32.25 -8.29 -5.57
C SER B 100 30.97 -7.87 -4.87
N LEU B 101 30.76 -8.43 -3.68
CA LEU B 101 29.46 -8.33 -3.02
C LEU B 101 29.12 -6.88 -2.72
N GLU B 102 30.14 -6.06 -2.47
CA GLU B 102 29.94 -4.65 -2.15
C GLU B 102 29.35 -3.92 -3.35
N ASP B 103 29.96 -4.08 -4.53
CA ASP B 103 29.39 -3.50 -5.73
C ASP B 103 28.28 -4.38 -6.26
N CYS B 104 27.57 -5.08 -5.40
CA CYS B 104 26.41 -5.80 -5.88
C CYS B 104 25.16 -5.59 -5.05
N VAL B 105 25.29 -5.56 -3.72
CA VAL B 105 24.12 -5.38 -2.86
C VAL B 105 23.50 -4.02 -3.13
N TYR B 106 22.19 -4.01 -3.28
CA TYR B 106 21.44 -2.77 -3.32
C TYR B 106 20.77 -2.60 -1.97
N HIS B 107 20.96 -1.42 -1.37
CA HIS B 107 20.38 -1.11 -0.06
C HIS B 107 19.17 -0.21 -0.25
N ASP B 108 18.00 -0.74 0.13
CA ASP B 108 16.76 0.02 0.20
C ASP B 108 16.69 0.57 1.61
N GLU B 109 17.21 1.78 1.81
CA GLU B 109 17.21 2.24 3.19
C GLU B 109 15.92 2.95 3.55
N GLN B 110 14.91 2.94 2.68
CA GLN B 110 13.55 3.18 3.15
C GLN B 110 13.16 2.14 4.19
N SER B 111 13.75 0.94 4.08
CA SER B 111 13.36 -0.24 4.84
C SER B 111 14.49 -0.93 5.60
N GLY B 112 15.74 -0.72 5.21
CA GLY B 112 16.83 -1.47 5.77
C GLY B 112 17.10 -2.75 5.03
N LEU B 113 16.18 -3.19 4.19
CA LEU B 113 16.37 -4.42 3.44
C LEU B 113 17.56 -4.30 2.50
N ASP B 114 18.30 -5.40 2.35
CA ASP B 114 19.33 -5.52 1.34
C ASP B 114 18.85 -6.44 0.23
N ILE B 115 19.14 -6.07 -1.01
CA ILE B 115 18.64 -6.81 -2.15
C ILE B 115 19.81 -7.22 -3.05
N LEU B 116 19.85 -8.50 -3.37
CA LEU B 116 20.76 -9.04 -4.36
C LEU B 116 19.92 -9.42 -5.56
N THR B 117 20.04 -8.64 -6.62
CA THR B 117 19.26 -8.87 -7.82
C THR B 117 19.82 -10.10 -8.56
N ALA B 118 19.07 -10.57 -9.56
CA ALA B 118 19.54 -11.73 -10.31
C ALA B 118 20.83 -11.47 -11.06
N GLY B 119 21.04 -10.23 -11.51
CA GLY B 119 22.22 -9.88 -12.27
C GLY B 119 22.06 -10.10 -13.76
N VAL B 120 23.15 -9.82 -14.49
CA VAL B 120 23.12 -9.92 -15.95
C VAL B 120 22.77 -11.36 -16.38
N TYR B 121 22.34 -11.50 -17.64
CA TYR B 121 21.80 -12.77 -18.10
C TYR B 121 22.87 -13.86 -18.08
N ALA B 122 22.41 -15.09 -17.85
CA ALA B 122 23.28 -16.25 -17.75
C ALA B 122 22.60 -17.40 -18.47
N SER B 123 23.27 -17.99 -19.45
CA SER B 123 22.56 -19.00 -20.20
C SER B 123 22.63 -20.37 -19.54
N ASN B 124 23.32 -20.48 -18.41
CA ASN B 124 23.45 -21.74 -17.69
C ASN B 124 22.89 -21.62 -16.27
N PRO B 125 21.61 -21.26 -16.14
CA PRO B 125 21.10 -20.92 -14.79
C PRO B 125 21.24 -22.06 -13.82
N LEU B 126 20.78 -23.27 -14.19
CA LEU B 126 20.83 -24.39 -13.26
C LEU B 126 22.26 -24.85 -13.01
N GLU B 127 23.11 -24.83 -14.04
CA GLU B 127 24.54 -25.04 -13.85
C GLU B 127 25.12 -24.07 -12.83
N LEU B 128 24.80 -22.79 -12.97
CA LEU B 128 25.30 -21.79 -12.03
C LEU B 128 24.84 -22.07 -10.61
N LEU B 129 23.57 -22.45 -10.45
CA LEU B 129 22.99 -22.65 -9.12
C LEU B 129 23.44 -23.97 -8.49
N SER B 130 23.74 -24.98 -9.30
CA SER B 130 24.34 -26.21 -8.79
C SER B 130 25.82 -26.06 -8.55
N SER B 131 26.35 -24.87 -8.74
CA SER B 131 27.77 -24.60 -8.57
C SER B 131 28.21 -24.83 -7.13
N SER B 132 29.52 -24.97 -6.95
CA SER B 132 30.07 -24.87 -5.62
C SER B 132 30.49 -23.44 -5.31
N LYS B 133 30.55 -22.58 -6.34
CA LYS B 133 30.62 -21.14 -6.12
C LYS B 133 29.31 -20.60 -5.57
N PHE B 134 28.19 -21.26 -5.88
CA PHE B 134 26.94 -20.85 -5.29
C PHE B 134 26.85 -21.28 -3.83
N SER B 135 27.22 -22.52 -3.51
CA SER B 135 27.11 -22.93 -2.14
C SER B 135 28.07 -22.13 -1.28
N GLU B 136 29.25 -21.82 -1.83
CA GLU B 136 30.21 -20.96 -1.13
C GLU B 136 29.67 -19.55 -0.96
N LEU B 137 28.93 -19.04 -1.95
CA LEU B 137 28.39 -17.71 -1.79
C LEU B 137 27.32 -17.69 -0.69
N LEU B 138 26.52 -18.73 -0.62
CA LEU B 138 25.49 -18.76 0.40
C LEU B 138 26.11 -18.87 1.79
N ALA B 139 27.16 -19.68 1.93
CA ALA B 139 27.82 -19.81 3.23
C ALA B 139 28.37 -18.47 3.70
N ASP B 140 28.87 -17.65 2.77
CA ASP B 140 29.44 -16.35 3.15
C ASP B 140 28.34 -15.37 3.52
N LEU B 141 27.21 -15.41 2.80
CA LEU B 141 26.11 -14.52 3.12
C LEU B 141 25.47 -14.85 4.45
N ARG B 142 25.51 -16.13 4.84
CA ARG B 142 24.96 -16.53 6.13
C ARG B 142 25.66 -15.81 7.27
N THR B 143 26.98 -15.75 7.23
CA THR B 143 27.79 -15.10 8.26
C THR B 143 27.70 -13.58 8.23
N ARG B 144 27.01 -12.99 7.25
CA ARG B 144 26.85 -11.55 7.18
C ARG B 144 25.43 -11.06 7.42
N TYR B 145 24.43 -11.95 7.42
CA TYR B 145 23.02 -11.57 7.50
C TYR B 145 22.27 -12.44 8.49
N GLN B 146 21.33 -11.84 9.23
CA GLN B 146 20.51 -12.61 10.16
C GLN B 146 19.46 -13.43 9.43
N ARG B 147 18.81 -12.84 8.42
CA ARG B 147 17.84 -13.55 7.59
C ARG B 147 18.19 -13.37 6.11
N ILE B 148 17.92 -14.41 5.33
CA ILE B 148 18.02 -14.35 3.88
C ILE B 148 16.75 -14.92 3.28
N VAL B 149 16.15 -14.18 2.36
CA VAL B 149 14.93 -14.60 1.69
C VAL B 149 15.25 -14.83 0.21
N ILE B 150 14.89 -16.00 -0.31
CA ILE B 150 15.26 -16.38 -1.66
C ILE B 150 14.00 -16.59 -2.49
N ASP B 151 13.81 -15.74 -3.49
CA ASP B 151 12.81 -15.94 -4.53
C ASP B 151 13.35 -16.93 -5.57
N THR B 152 12.61 -18.01 -5.77
CA THR B 152 12.96 -19.17 -6.64
C THR B 152 11.99 -19.25 -7.81
N PRO B 153 12.29 -19.98 -8.90
CA PRO B 153 11.37 -20.20 -9.99
C PRO B 153 10.48 -21.39 -9.64
N PRO B 154 9.35 -21.59 -10.32
CA PRO B 154 8.45 -22.67 -10.02
C PRO B 154 9.03 -24.07 -9.92
N CYS B 155 8.40 -24.88 -9.10
CA CYS B 155 8.85 -26.26 -8.86
C CYS B 155 8.62 -27.18 -10.05
N LEU B 156 7.61 -26.95 -10.88
CA LEU B 156 7.32 -27.86 -11.97
C LEU B 156 7.89 -27.40 -13.30
N ALA B 157 8.19 -26.12 -13.44
CA ALA B 157 8.81 -25.62 -14.66
C ALA B 157 10.24 -26.16 -14.80
N VAL B 158 11.10 -25.83 -13.84
CA VAL B 158 12.50 -26.22 -13.89
C VAL B 158 12.86 -27.02 -12.65
N SER B 159 14.10 -27.50 -12.58
CA SER B 159 14.55 -28.24 -11.42
C SER B 159 15.34 -27.38 -10.44
N ASP B 160 15.57 -26.10 -10.76
CA ASP B 160 16.35 -25.19 -9.92
C ASP B 160 16.00 -25.29 -8.44
N SER B 161 14.70 -25.30 -8.13
CA SER B 161 14.32 -25.12 -6.74
C SER B 161 14.51 -26.38 -5.93
N PHE B 162 14.39 -27.55 -6.54
CA PHE B 162 14.77 -28.76 -5.84
C PHE B 162 16.26 -28.74 -5.55
N MET B 163 17.03 -28.08 -6.41
CA MET B 163 18.46 -27.95 -6.21
C MET B 163 18.77 -26.99 -5.07
N LEU B 164 18.07 -25.85 -5.04
CA LEU B 164 18.30 -24.84 -4.01
C LEU B 164 17.89 -25.33 -2.63
N ALA B 165 16.78 -26.07 -2.55
CA ALA B 165 16.25 -26.50 -1.26
C ALA B 165 17.27 -27.30 -0.46
N GLN B 166 18.23 -27.95 -1.13
CA GLN B 166 19.31 -28.59 -0.38
C GLN B 166 20.03 -27.57 0.51
N TYR B 167 20.10 -26.31 0.06
CA TYR B 167 20.95 -25.29 0.65
C TYR B 167 20.24 -24.42 1.70
N VAL B 168 18.92 -24.47 1.80
CA VAL B 168 18.16 -23.54 2.64
C VAL B 168 17.67 -24.26 3.90
N ASP B 169 17.26 -23.45 4.89
CA ASP B 169 16.73 -23.95 6.16
C ASP B 169 15.22 -24.11 6.18
N SER B 170 14.51 -23.45 5.27
CA SER B 170 13.06 -23.51 5.30
C SER B 170 12.53 -23.25 3.89
N VAL B 171 11.51 -24.00 3.52
CA VAL B 171 10.84 -23.85 2.24
C VAL B 171 9.42 -23.37 2.52
N ILE B 172 9.03 -22.26 1.91
CA ILE B 172 7.66 -21.76 1.96
C ILE B 172 7.09 -21.93 0.58
N LEU B 173 5.92 -22.57 0.48
CA LEU B 173 5.30 -22.86 -0.81
C LEU B 173 4.15 -21.88 -1.01
N VAL B 174 4.25 -21.08 -2.07
CA VAL B 174 3.25 -20.06 -2.38
C VAL B 174 2.25 -20.67 -3.35
N ILE B 175 0.98 -20.39 -3.12
CA ILE B 175 -0.12 -21.05 -3.82
C ILE B 175 -1.19 -20.02 -4.14
N ASP B 176 -1.57 -19.93 -5.41
CA ASP B 176 -2.77 -19.18 -5.77
C ASP B 176 -3.91 -20.13 -5.50
N ALA B 177 -4.50 -19.98 -4.31
CA ALA B 177 -5.51 -20.92 -3.88
C ALA B 177 -6.75 -20.87 -4.76
N ASN B 178 -6.93 -19.80 -5.55
CA ASN B 178 -8.09 -19.73 -6.43
C ASN B 178 -7.98 -20.66 -7.63
N HIS B 179 -6.77 -21.07 -8.02
CA HIS B 179 -6.60 -21.73 -9.30
C HIS B 179 -5.77 -23.00 -9.25
N THR B 180 -4.69 -23.04 -8.47
CA THR B 180 -3.91 -24.26 -8.37
C THR B 180 -4.71 -25.33 -7.65
N ARG B 181 -4.63 -26.55 -8.17
CA ARG B 181 -5.41 -27.65 -7.64
C ARG B 181 -4.55 -28.46 -6.69
N THR B 182 -5.19 -28.99 -5.67
CA THR B 182 -4.44 -29.55 -4.56
C THR B 182 -3.72 -30.84 -4.96
N PRO B 183 -4.24 -31.68 -5.88
CA PRO B 183 -3.44 -32.85 -6.29
C PRO B 183 -2.09 -32.47 -6.87
N VAL B 184 -2.00 -31.31 -7.53
CA VAL B 184 -0.71 -30.82 -8.01
C VAL B 184 0.19 -30.49 -6.83
N VAL B 185 -0.32 -29.67 -5.90
CA VAL B 185 0.41 -29.31 -4.69
C VAL B 185 0.89 -30.56 -3.96
N ARG B 186 -0.01 -31.54 -3.81
CA ARG B 186 0.35 -32.77 -3.13
C ARG B 186 1.51 -33.48 -3.84
N GLU B 187 1.54 -33.43 -5.18
CA GLU B 187 2.65 -34.03 -5.92
C GLU B 187 3.94 -33.23 -5.73
N VAL B 188 3.86 -31.91 -5.71
CA VAL B 188 5.07 -31.11 -5.54
C VAL B 188 5.65 -31.35 -4.16
N VAL B 189 4.76 -31.36 -3.15
CA VAL B 189 5.16 -31.71 -1.78
C VAL B 189 5.84 -33.07 -1.78
N GLY B 190 5.25 -34.03 -2.50
CA GLY B 190 5.84 -35.35 -2.59
C GLY B 190 7.23 -35.36 -3.21
N LYS B 191 7.44 -34.60 -4.29
CA LYS B 191 8.76 -34.57 -4.92
C LYS B 191 9.81 -34.01 -3.96
N LEU B 192 9.44 -33.03 -3.15
CA LEU B 192 10.37 -32.48 -2.19
C LEU B 192 10.68 -33.46 -1.08
N THR B 193 9.63 -34.07 -0.52
CA THR B 193 9.81 -35.09 0.52
C THR B 193 10.71 -36.24 0.08
N GLN B 194 10.67 -36.60 -1.20
CA GLN B 194 11.42 -37.78 -1.61
C GLN B 194 12.87 -37.45 -1.95
N GLN B 195 13.30 -36.20 -1.78
CA GLN B 195 14.71 -35.84 -1.84
C GLN B 195 15.27 -35.30 -0.53
N GLY B 196 14.43 -35.02 0.46
CA GLY B 196 14.91 -34.53 1.74
C GLY B 196 14.15 -33.34 2.29
N SER B 197 13.97 -32.31 1.46
CA SER B 197 13.44 -31.05 1.95
C SER B 197 12.05 -31.22 2.54
N ARG B 198 11.71 -30.37 3.49
CA ARG B 198 10.38 -30.34 4.04
C ARG B 198 9.81 -28.95 3.81
N ILE B 199 8.49 -28.90 3.62
CA ILE B 199 7.76 -27.64 3.55
C ILE B 199 7.46 -27.18 4.97
N ASP B 200 7.77 -25.92 5.25
CA ASP B 200 7.50 -25.39 6.57
C ASP B 200 6.29 -24.48 6.60
N GLY B 201 5.77 -24.09 5.45
CA GLY B 201 4.58 -23.29 5.49
C GLY B 201 4.10 -22.97 4.10
N VAL B 202 2.83 -22.59 4.04
CA VAL B 202 2.22 -22.16 2.79
C VAL B 202 1.86 -20.71 2.93
N ILE B 203 1.79 -20.01 1.80
CA ILE B 203 1.15 -18.71 1.72
C ILE B 203 0.07 -18.84 0.67
N LEU B 204 -1.16 -18.52 1.05
CA LEU B 204 -2.32 -18.66 0.19
C LEU B 204 -2.70 -17.29 -0.34
N ASN B 205 -2.11 -16.92 -1.47
CA ASN B 205 -2.61 -15.78 -2.22
C ASN B 205 -3.95 -16.15 -2.85
N ARG B 206 -4.73 -15.12 -3.19
CA ARG B 206 -5.98 -15.32 -3.92
C ARG B 206 -6.02 -14.31 -5.06
N LEU B 207 -5.87 -14.81 -6.28
CA LEU B 207 -5.80 -14.00 -7.49
C LEU B 207 -7.04 -14.22 -8.34
N ASN B 208 -7.19 -13.39 -9.38
CA ASN B 208 -8.36 -13.50 -10.25
C ASN B 208 -7.93 -13.55 -11.72
#